data_5JXN
#
_entry.id   5JXN
#
_cell.length_a   93.014
_cell.length_b   93.014
_cell.length_c   131.203
_cell.angle_alpha   90.00
_cell.angle_beta   90.00
_cell.angle_gamma   120.00
#
_symmetry.space_group_name_H-M   'P 61 2 2'
#
loop_
_entity.id
_entity.type
_entity.pdbx_description
1 polymer Thermolysin
2 non-polymer 'ZINC ION'
3 non-polymer 'CALCIUM ION'
4 non-polymer 'DIMETHYL SULFOXIDE'
5 non-polymer GLYCEROL
6 non-polymer 'P-((((benzyloxy)carbonyl)amino)methyl)-N-((S)-4-methyl-1-(((R)-2-methylbutyl)amino)-1-oxopentan- 2-yl)phosphonamidic acid'
7 water water
#
_entity_poly.entity_id   1
_entity_poly.type   'polypeptide(L)'
_entity_poly.pdbx_seq_one_letter_code
;ITGTSTVGVGRGVLGDQKNINTTYSTYYYLQDNTRGNGIFTYDAKYRTTLPGSLWADADNQFFASYDAPAVDAHYYAGVT
YDYYKNVHNRLSYDGNNAAIRSSVHYSQGYNNAFWNGSQMVYGDGDGQTFIPLSGGIDVVAHELTHAVTDYTAGLIYQNE
SGAINEAISDIFGTLVEFYANKNPDWEIGEDVYTPGISGDSLRSMSDPAKYGDPDHYSKRYTGTQDNGGVHINSGIINKA
AYLISQGGTHYGVSVVGIGRDKLGKIFYRALTQYLTPTSNFSQLRAAAVQSATDLYGSTSQEVASVKQAFDAVGVK
;
_entity_poly.pdbx_strand_id   E
#
loop_
_chem_comp.id
_chem_comp.type
_chem_comp.name
_chem_comp.formula
6NN non-polymer 'P-((((benzyloxy)carbonyl)amino)methyl)-N-((S)-4-methyl-1-(((R)-2-methylbutyl)amino)-1-oxopentan- 2-yl)phosphonamidic acid' 'C20 H34 N3 O5 P'
CA non-polymer 'CALCIUM ION' 'Ca 2'
DMS non-polymer 'DIMETHYL SULFOXIDE' 'C2 H6 O S'
GOL non-polymer GLYCEROL 'C3 H8 O3'
ZN non-polymer 'ZINC ION' 'Zn 2'
#
# COMPACT_ATOMS: atom_id res chain seq x y z
N ILE A 1 -15.75 5.87 -19.68
CA ILE A 1 -16.52 5.93 -20.96
C ILE A 1 -17.60 4.87 -21.04
N THR A 2 -18.61 5.14 -21.86
CA THR A 2 -19.65 4.15 -22.11
C THR A 2 -19.17 3.13 -23.13
N GLY A 3 -19.32 1.86 -22.79
CA GLY A 3 -18.91 0.81 -23.72
C GLY A 3 -19.23 -0.54 -23.14
N THR A 4 -18.67 -1.58 -23.74
CA THR A 4 -18.95 -2.93 -23.25
C THR A 4 -17.71 -3.50 -22.57
N SER A 5 -17.93 -4.23 -21.49
CA SER A 5 -16.82 -4.82 -20.76
C SER A 5 -16.17 -5.94 -21.56
N THR A 6 -14.83 -5.90 -21.58
CA THR A 6 -14.01 -6.81 -22.34
C THR A 6 -12.87 -7.31 -21.45
N VAL A 7 -12.12 -8.29 -21.95
CA VAL A 7 -10.98 -8.86 -21.22
C VAL A 7 -9.78 -8.84 -22.14
N GLY A 8 -8.81 -8.00 -21.81
CA GLY A 8 -7.55 -7.93 -22.53
C GLY A 8 -6.49 -8.78 -21.86
N VAL A 9 -5.34 -8.89 -22.52
N VAL A 9 -5.34 -8.85 -22.53
CA VAL A 9 -4.23 -9.67 -21.99
CA VAL A 9 -4.21 -9.67 -22.09
C VAL A 9 -2.95 -8.90 -22.25
C VAL A 9 -2.96 -8.82 -22.24
N GLY A 10 -2.02 -8.97 -21.31
CA GLY A 10 -0.79 -8.23 -21.45
C GLY A 10 0.28 -8.73 -20.51
N ARG A 11 1.37 -7.98 -20.47
CA ARG A 11 2.52 -8.31 -19.66
C ARG A 11 2.85 -7.14 -18.74
N GLY A 12 3.12 -7.45 -17.48
CA GLY A 12 3.48 -6.44 -16.50
C GLY A 12 4.96 -6.09 -16.51
N VAL A 13 5.35 -5.25 -15.54
CA VAL A 13 6.70 -4.72 -15.44
C VAL A 13 7.73 -5.83 -15.27
N LEU A 14 7.39 -6.90 -14.55
CA LEU A 14 8.33 -8.01 -14.33
C LEU A 14 8.23 -9.10 -15.39
N GLY A 15 7.45 -8.89 -16.44
CA GLY A 15 7.43 -9.84 -17.56
C GLY A 15 6.36 -10.89 -17.47
N ASP A 16 5.47 -10.81 -16.51
CA ASP A 16 4.45 -11.82 -16.28
C ASP A 16 3.18 -11.49 -17.05
N GLN A 17 2.54 -12.52 -17.61
CA GLN A 17 1.31 -12.32 -18.36
C GLN A 17 0.10 -12.32 -17.42
N LYS A 18 -0.83 -11.40 -17.67
CA LYS A 18 -2.07 -11.38 -16.89
C LYS A 18 -3.20 -10.86 -17.76
N ASN A 19 -4.41 -11.25 -17.40
CA ASN A 19 -5.62 -10.70 -18.00
C ASN A 19 -6.02 -9.43 -17.28
N ILE A 20 -6.57 -8.47 -18.05
N ILE A 20 -6.62 -8.50 -18.02
CA ILE A 20 -7.03 -7.19 -17.52
CA ILE A 20 -7.05 -7.23 -17.42
C ILE A 20 -8.46 -6.94 -17.97
C ILE A 20 -8.39 -6.83 -17.97
N ASN A 21 -9.22 -6.29 -17.10
CA ASN A 21 -10.58 -5.88 -17.47
C ASN A 21 -10.54 -4.54 -18.19
N THR A 22 -11.06 -4.51 -19.40
CA THR A 22 -11.06 -3.33 -20.27
C THR A 22 -12.50 -2.99 -20.67
N THR A 23 -12.62 -1.89 -21.41
CA THR A 23 -13.91 -1.43 -21.94
C THR A 23 -13.73 -1.08 -23.41
N TYR A 24 -14.61 -1.60 -24.27
CA TYR A 24 -14.52 -1.39 -25.70
C TYR A 24 -15.53 -0.35 -26.16
N SER A 25 -15.02 0.70 -26.82
CA SER A 25 -15.83 1.66 -27.56
C SER A 25 -14.84 2.34 -28.52
N THR A 26 -14.78 1.83 -29.75
CA THR A 26 -13.80 2.16 -30.79
C THR A 26 -12.41 1.64 -30.44
N TYR A 27 -11.88 2.09 -29.31
CA TYR A 27 -10.67 1.57 -28.70
C TYR A 27 -11.02 0.69 -27.50
N TYR A 28 -10.02 -0.05 -27.05
CA TYR A 28 -10.08 -0.76 -25.78
C TYR A 28 -9.40 0.10 -24.72
N TYR A 29 -10.13 0.46 -23.68
CA TYR A 29 -9.65 1.34 -22.64
C TYR A 29 -9.34 0.55 -21.37
N LEU A 30 -8.35 1.02 -20.61
CA LEU A 30 -8.09 0.48 -19.26
C LEU A 30 -9.14 1.03 -18.29
N GLN A 31 -10.31 0.41 -18.35
CA GLN A 31 -11.47 0.75 -17.54
C GLN A 31 -12.11 -0.58 -17.19
N ASP A 32 -12.01 -0.94 -15.90
CA ASP A 32 -12.51 -2.19 -15.34
C ASP A 32 -13.86 -1.87 -14.72
N ASN A 33 -14.95 -2.35 -15.34
CA ASN A 33 -16.30 -2.12 -14.85
C ASN A 33 -16.74 -3.15 -13.83
N THR A 34 -15.90 -4.15 -13.53
CA THR A 34 -16.31 -5.27 -12.70
C THR A 34 -16.23 -4.97 -11.22
N ARG A 35 -15.62 -3.84 -10.86
CA ARG A 35 -15.33 -3.52 -9.46
C ARG A 35 -15.89 -2.13 -9.15
N GLY A 36 -16.88 -2.05 -8.28
CA GLY A 36 -17.43 -0.78 -7.86
C GLY A 36 -17.90 0.07 -9.01
N ASN A 37 -17.57 1.34 -8.96
CA ASN A 37 -17.85 2.28 -10.03
C ASN A 37 -16.67 2.46 -10.97
N GLY A 38 -15.81 1.48 -11.02
CA GLY A 38 -14.78 1.37 -12.02
C GLY A 38 -13.37 1.59 -11.48
N ILE A 39 -12.41 1.00 -12.17
CA ILE A 39 -10.99 1.27 -12.03
C ILE A 39 -10.52 1.77 -13.37
N PHE A 40 -9.87 2.93 -13.36
CA PHE A 40 -9.49 3.65 -14.56
C PHE A 40 -8.01 3.96 -14.51
N THR A 41 -7.30 3.62 -15.59
CA THR A 41 -5.85 3.82 -15.66
C THR A 41 -5.52 4.73 -16.84
N TYR A 42 -4.68 5.73 -16.59
CA TYR A 42 -4.40 6.85 -17.46
C TYR A 42 -2.91 6.89 -17.82
N ASP A 43 -2.62 7.47 -19.00
CA ASP A 43 -1.26 7.72 -19.47
C ASP A 43 -0.90 9.19 -19.22
N ALA A 44 0.09 9.44 -18.36
CA ALA A 44 0.59 10.79 -18.13
C ALA A 44 1.69 11.20 -19.12
N LYS A 45 2.15 10.30 -19.98
CA LYS A 45 2.96 10.63 -21.16
C LYS A 45 4.26 11.35 -20.83
N TYR A 46 4.85 10.99 -19.69
CA TYR A 46 6.11 11.55 -19.21
C TYR A 46 5.98 13.00 -18.72
N ARG A 47 4.76 13.52 -18.63
CA ARG A 47 4.54 14.86 -18.13
C ARG A 47 3.92 14.80 -16.75
N THR A 48 3.63 15.99 -16.20
CA THR A 48 3.16 16.11 -14.82
C THR A 48 1.73 16.61 -14.73
N THR A 49 1.04 16.77 -15.85
N THR A 49 1.07 16.82 -15.85
CA THR A 49 -0.36 17.20 -15.83
CA THR A 49 -0.34 17.13 -15.85
C THR A 49 -1.26 15.98 -15.68
C THR A 49 -1.12 15.87 -15.54
N LEU A 50 -2.10 16.00 -14.65
CA LEU A 50 -2.87 14.84 -14.23
C LEU A 50 -4.36 15.02 -14.46
N PRO A 51 -5.07 13.94 -14.78
CA PRO A 51 -4.59 12.56 -14.84
C PRO A 51 -3.89 12.16 -16.14
N GLY A 52 -4.02 12.99 -17.17
CA GLY A 52 -3.58 12.55 -18.47
C GLY A 52 -4.75 11.96 -19.23
N SER A 53 -4.48 11.01 -20.10
N SER A 53 -4.49 11.09 -20.20
CA SER A 53 -5.50 10.46 -20.99
CA SER A 53 -5.58 10.54 -21.01
C SER A 53 -5.88 9.05 -20.56
C SER A 53 -5.89 9.09 -20.62
N LEU A 54 -7.18 8.76 -20.54
CA LEU A 54 -7.59 7.39 -20.25
C LEU A 54 -6.91 6.45 -21.23
N TRP A 55 -6.31 5.39 -20.73
CA TRP A 55 -5.41 4.58 -21.56
C TRP A 55 -6.19 3.86 -22.66
N ALA A 56 -5.87 4.14 -23.92
CA ALA A 56 -6.53 3.58 -25.09
C ALA A 56 -5.58 2.67 -25.88
N ASP A 57 -6.10 1.53 -26.33
CA ASP A 57 -5.32 0.54 -27.06
C ASP A 57 -6.16 -0.02 -28.20
N ALA A 58 -5.55 -0.18 -29.38
CA ALA A 58 -6.30 -0.57 -30.56
C ALA A 58 -6.79 -2.01 -30.53
N ASP A 59 -6.05 -2.94 -29.91
CA ASP A 59 -6.33 -4.37 -30.10
C ASP A 59 -6.58 -5.17 -28.84
N ASN A 60 -6.57 -4.56 -27.66
CA ASN A 60 -6.82 -5.26 -26.41
C ASN A 60 -5.67 -6.17 -26.00
N GLN A 61 -4.51 -6.00 -26.60
CA GLN A 61 -3.29 -6.73 -26.26
C GLN A 61 -2.27 -5.71 -25.76
N PHE A 62 -1.68 -6.00 -24.59
CA PHE A 62 -0.87 -5.00 -23.89
C PHE A 62 0.53 -5.59 -23.56
N PHE A 63 1.26 -5.95 -24.63
CA PHE A 63 2.58 -6.55 -24.51
C PHE A 63 3.73 -5.63 -24.85
N ALA A 64 3.47 -4.37 -25.17
CA ALA A 64 4.56 -3.44 -25.44
C ALA A 64 5.22 -3.01 -24.14
N SER A 65 6.51 -2.70 -24.23
N SER A 65 6.51 -2.70 -24.23
CA SER A 65 7.21 -2.23 -23.03
CA SER A 65 7.21 -2.22 -23.04
C SER A 65 6.51 -1.00 -22.42
C SER A 65 6.49 -1.02 -22.43
N TYR A 66 6.00 -0.09 -23.27
CA TYR A 66 5.33 1.12 -22.77
C TYR A 66 4.04 0.77 -22.02
N ASP A 67 3.43 -0.38 -22.32
CA ASP A 67 2.18 -0.80 -21.70
C ASP A 67 2.40 -1.35 -20.29
N ALA A 68 3.58 -1.89 -19.98
CA ALA A 68 3.72 -2.71 -18.79
C ALA A 68 3.38 -1.97 -17.50
N PRO A 69 3.75 -0.71 -17.28
CA PRO A 69 3.36 -0.07 -16.03
C PRO A 69 1.87 0.14 -15.91
N ALA A 70 1.19 0.32 -17.01
CA ALA A 70 -0.25 0.49 -17.00
C ALA A 70 -0.95 -0.82 -16.65
N VAL A 71 -0.50 -1.92 -17.26
CA VAL A 71 -1.05 -3.24 -16.98
C VAL A 71 -1.04 -3.48 -15.46
N ASP A 72 0.10 -3.25 -14.82
CA ASP A 72 0.26 -3.57 -13.39
C ASP A 72 -0.48 -2.57 -12.49
N ALA A 73 -0.46 -1.27 -12.82
CA ALA A 73 -1.25 -0.33 -12.03
C ALA A 73 -2.72 -0.73 -12.03
N HIS A 74 -3.23 -1.13 -13.19
CA HIS A 74 -4.64 -1.47 -13.36
C HIS A 74 -4.95 -2.78 -12.63
N TYR A 75 -4.13 -3.80 -12.87
CA TYR A 75 -4.35 -5.11 -12.29
C TYR A 75 -4.21 -5.10 -10.77
N TYR A 76 -3.16 -4.46 -10.26
CA TYR A 76 -2.95 -4.46 -8.81
C TYR A 76 -3.96 -3.56 -8.09
N ALA A 77 -4.48 -2.53 -8.73
CA ALA A 77 -5.59 -1.80 -8.12
C ALA A 77 -6.79 -2.73 -7.95
N GLY A 78 -7.02 -3.62 -8.93
CA GLY A 78 -8.09 -4.60 -8.78
C GLY A 78 -7.87 -5.55 -7.63
N VAL A 79 -6.64 -6.04 -7.46
CA VAL A 79 -6.35 -6.92 -6.34
C VAL A 79 -6.60 -6.20 -5.02
N THR A 80 -6.15 -4.94 -4.93
CA THR A 80 -6.30 -4.17 -3.70
C THR A 80 -7.78 -3.90 -3.40
N TYR A 81 -8.57 -3.57 -4.43
CA TYR A 81 -10.03 -3.46 -4.25
C TYR A 81 -10.61 -4.75 -3.68
N ASP A 82 -10.22 -5.88 -4.24
CA ASP A 82 -10.73 -7.17 -3.80
C ASP A 82 -10.36 -7.44 -2.35
N TYR A 83 -9.12 -7.12 -1.96
CA TYR A 83 -8.72 -7.30 -0.57
C TYR A 83 -9.64 -6.52 0.36
N TYR A 84 -9.78 -5.21 0.12
CA TYR A 84 -10.61 -4.42 1.02
C TYR A 84 -12.06 -4.92 1.05
N LYS A 85 -12.61 -5.29 -0.11
CA LYS A 85 -14.00 -5.73 -0.15
C LYS A 85 -14.18 -7.08 0.53
N ASN A 86 -13.35 -8.06 0.16
CA ASN A 86 -13.54 -9.42 0.62
C ASN A 86 -13.11 -9.62 2.05
N VAL A 87 -12.06 -8.92 2.48
CA VAL A 87 -11.50 -9.12 3.80
C VAL A 87 -12.11 -8.17 4.82
N HIS A 88 -12.36 -6.90 4.47
CA HIS A 88 -12.84 -5.91 5.40
C HIS A 88 -14.22 -5.36 5.10
N ASN A 89 -14.90 -5.88 4.07
CA ASN A 89 -16.24 -5.43 3.72
C ASN A 89 -16.23 -3.93 3.43
N ARG A 90 -15.16 -3.43 2.83
CA ARG A 90 -15.04 -2.02 2.46
C ARG A 90 -15.11 -1.91 0.95
N LEU A 91 -15.99 -1.04 0.46
CA LEU A 91 -16.21 -0.85 -0.98
C LEU A 91 -15.43 0.39 -1.43
N SER A 92 -14.28 0.14 -2.06
CA SER A 92 -13.35 1.16 -2.50
C SER A 92 -12.83 2.01 -1.34
N TYR A 93 -12.08 3.05 -1.68
CA TYR A 93 -11.37 3.78 -0.62
C TYR A 93 -12.30 4.61 0.23
N ASP A 94 -13.44 5.05 -0.31
CA ASP A 94 -14.38 5.88 0.44
C ASP A 94 -15.50 5.06 1.10
N GLY A 95 -15.52 3.74 0.92
CA GLY A 95 -16.59 2.91 1.44
C GLY A 95 -17.86 2.95 0.62
N ASN A 96 -17.90 3.72 -0.47
CA ASN A 96 -19.10 3.84 -1.31
C ASN A 96 -18.74 3.64 -2.78
N ASN A 97 -17.76 2.81 -3.04
CA ASN A 97 -17.40 2.41 -4.40
C ASN A 97 -16.94 3.60 -5.27
N ALA A 98 -16.22 4.57 -4.69
CA ALA A 98 -15.62 5.61 -5.53
C ALA A 98 -14.78 4.99 -6.64
N ALA A 99 -14.84 5.61 -7.82
CA ALA A 99 -13.97 5.22 -8.92
C ALA A 99 -12.52 5.34 -8.49
N ILE A 100 -11.70 4.37 -8.88
CA ILE A 100 -10.27 4.35 -8.57
C ILE A 100 -9.50 4.74 -9.80
N ARG A 101 -8.73 5.82 -9.72
CA ARG A 101 -7.99 6.35 -10.86
C ARG A 101 -6.49 6.32 -10.58
N SER A 102 -5.71 5.89 -11.57
CA SER A 102 -4.25 5.85 -11.50
C SER A 102 -3.65 6.39 -12.78
N SER A 103 -2.54 7.13 -12.68
CA SER A 103 -1.77 7.55 -13.84
C SER A 103 -0.37 6.96 -13.78
N VAL A 104 0.10 6.47 -14.91
CA VAL A 104 1.45 5.94 -15.04
C VAL A 104 2.24 6.77 -16.04
N HIS A 105 3.53 6.50 -16.13
CA HIS A 105 4.45 7.33 -16.92
C HIS A 105 4.41 8.79 -16.46
N TYR A 106 4.37 9.00 -15.15
CA TYR A 106 4.41 10.35 -14.60
C TYR A 106 5.83 10.88 -14.59
N SER A 107 6.02 12.04 -15.22
CA SER A 107 7.30 12.74 -15.29
C SER A 107 8.35 11.88 -15.96
N GLN A 108 9.62 12.23 -15.77
CA GLN A 108 10.76 11.53 -16.37
C GLN A 108 11.70 11.07 -15.28
N GLY A 109 12.07 9.79 -15.29
CA GLY A 109 13.01 9.27 -14.31
C GLY A 109 12.51 9.39 -12.89
N TYR A 110 11.19 9.30 -12.67
CA TYR A 110 10.61 9.72 -11.38
C TYR A 110 10.62 8.55 -10.39
N ASN A 111 11.40 8.70 -9.32
CA ASN A 111 11.68 7.64 -8.35
C ASN A 111 10.68 7.71 -7.18
N ASN A 112 9.39 7.68 -7.48
CA ASN A 112 8.39 7.74 -6.42
C ASN A 112 7.01 7.43 -7.00
N ALA A 113 6.06 7.31 -6.09
CA ALA A 113 4.64 7.11 -6.37
C ALA A 113 3.90 7.81 -5.25
N PHE A 114 2.65 8.22 -5.49
CA PHE A 114 1.92 8.97 -4.45
C PHE A 114 0.43 8.95 -4.75
N TRP A 115 -0.34 9.28 -3.72
CA TRP A 115 -1.76 9.62 -3.80
C TRP A 115 -1.83 11.14 -3.69
N ASN A 116 -2.43 11.80 -4.69
CA ASN A 116 -2.39 13.26 -4.77
C ASN A 116 -3.61 13.94 -4.16
N GLY A 117 -4.41 13.21 -3.39
CA GLY A 117 -5.68 13.67 -2.85
C GLY A 117 -6.88 13.17 -3.62
N SER A 118 -6.65 12.72 -4.85
CA SER A 118 -7.72 12.32 -5.76
C SER A 118 -7.43 11.06 -6.55
N GLN A 119 -6.17 10.67 -6.70
CA GLN A 119 -5.79 9.57 -7.59
C GLN A 119 -4.40 9.08 -7.20
N MET A 120 -4.06 7.90 -7.69
CA MET A 120 -2.71 7.35 -7.59
C MET A 120 -1.86 7.80 -8.78
N VAL A 121 -0.56 7.95 -8.53
CA VAL A 121 0.40 8.45 -9.50
C VAL A 121 1.69 7.66 -9.38
N TYR A 122 2.19 7.11 -10.51
CA TYR A 122 3.39 6.28 -10.51
C TYR A 122 4.44 6.80 -11.47
N GLY A 123 5.65 7.05 -10.96
CA GLY A 123 6.80 7.23 -11.79
C GLY A 123 7.26 5.95 -12.47
N ASP A 124 8.13 6.14 -13.46
CA ASP A 124 8.79 5.03 -14.13
C ASP A 124 10.09 4.64 -13.45
N GLY A 125 10.58 5.44 -12.51
CA GLY A 125 11.92 5.27 -11.99
C GLY A 125 12.97 5.68 -13.00
N ASP A 126 14.21 5.77 -12.54
CA ASP A 126 15.35 6.11 -13.41
C ASP A 126 16.09 4.89 -13.91
N GLY A 127 15.59 3.70 -13.62
CA GLY A 127 16.22 2.46 -14.01
C GLY A 127 17.34 2.01 -13.10
N GLN A 128 17.75 2.84 -12.14
CA GLN A 128 18.80 2.56 -11.19
C GLN A 128 18.27 2.40 -9.78
N THR A 129 17.57 3.42 -9.26
CA THR A 129 16.94 3.31 -7.95
C THR A 129 15.64 2.53 -8.05
N PHE A 130 14.84 2.77 -9.10
CA PHE A 130 13.58 2.06 -9.30
C PHE A 130 13.39 1.76 -10.77
N ILE A 131 12.64 0.68 -11.03
CA ILE A 131 11.94 0.44 -12.29
C ILE A 131 10.48 0.89 -12.09
N PRO A 132 9.60 0.83 -13.07
CA PRO A 132 8.30 1.48 -12.89
C PRO A 132 7.56 0.96 -11.67
N LEU A 133 7.11 1.89 -10.83
CA LEU A 133 6.82 1.54 -9.45
C LEU A 133 5.52 0.77 -9.28
N SER A 134 4.64 0.82 -10.27
CA SER A 134 3.42 0.02 -10.25
C SER A 134 3.72 -1.47 -10.40
N GLY A 135 4.96 -1.86 -10.70
CA GLY A 135 5.31 -3.27 -10.71
C GLY A 135 5.28 -3.94 -9.35
N GLY A 136 5.21 -3.17 -8.27
CA GLY A 136 5.17 -3.73 -6.92
C GLY A 136 3.75 -3.71 -6.38
N ILE A 137 3.19 -4.90 -6.11
CA ILE A 137 1.86 -4.95 -5.53
C ILE A 137 1.81 -4.25 -4.18
N ASP A 138 2.83 -4.40 -3.35
CA ASP A 138 2.89 -3.70 -2.08
C ASP A 138 2.89 -2.19 -2.28
N VAL A 139 3.55 -1.70 -3.33
CA VAL A 139 3.55 -0.27 -3.65
C VAL A 139 2.14 0.21 -4.03
N VAL A 140 1.49 -0.48 -4.97
CA VAL A 140 0.14 -0.10 -5.38
C VAL A 140 -0.78 -0.08 -4.18
N ALA A 141 -0.75 -1.13 -3.36
CA ALA A 141 -1.65 -1.19 -2.21
C ALA A 141 -1.27 -0.13 -1.18
N HIS A 142 0.03 0.16 -1.02
CA HIS A 142 0.44 1.27 -0.17
C HIS A 142 -0.23 2.58 -0.60
N GLU A 143 -0.19 2.86 -1.90
CA GLU A 143 -0.77 4.11 -2.40
C GLU A 143 -2.28 4.16 -2.21
N LEU A 144 -2.99 3.07 -2.56
CA LEU A 144 -4.46 3.11 -2.39
C LEU A 144 -4.82 3.20 -0.91
N THR A 145 -4.00 2.61 -0.04
CA THR A 145 -4.25 2.72 1.39
C THR A 145 -4.14 4.16 1.88
N HIS A 146 -3.31 4.99 1.28
CA HIS A 146 -3.34 6.41 1.65
C HIS A 146 -4.73 7.01 1.45
N ALA A 147 -5.42 6.65 0.37
CA ALA A 147 -6.78 7.12 0.13
C ALA A 147 -7.72 6.62 1.21
N VAL A 148 -7.61 5.34 1.60
CA VAL A 148 -8.42 4.80 2.70
C VAL A 148 -8.18 5.61 3.97
N THR A 149 -6.91 5.83 4.33
CA THR A 149 -6.60 6.62 5.51
C THR A 149 -7.23 8.00 5.43
N ASP A 150 -7.07 8.66 4.28
CA ASP A 150 -7.56 10.02 4.15
C ASP A 150 -9.08 10.12 4.34
N TYR A 151 -9.82 9.08 3.95
CA TYR A 151 -11.26 9.03 4.09
C TYR A 151 -11.71 8.56 5.48
N THR A 152 -10.80 8.05 6.30
CA THR A 152 -11.16 7.44 7.58
C THR A 152 -10.46 8.21 8.69
N ALA A 153 -9.36 7.71 9.24
CA ALA A 153 -8.72 8.40 10.36
C ALA A 153 -8.26 9.79 9.98
N GLY A 154 -7.79 9.97 8.75
CA GLY A 154 -7.38 11.32 8.36
C GLY A 154 -6.06 11.78 8.94
N LEU A 155 -5.21 10.83 9.31
CA LEU A 155 -3.92 11.11 9.94
C LEU A 155 -3.12 12.16 9.19
N ILE A 156 -2.80 13.25 9.90
CA ILE A 156 -2.06 14.37 9.31
C ILE A 156 -0.65 13.89 8.93
N TYR A 157 -0.17 14.30 7.76
CA TYR A 157 1.05 13.72 7.18
C TYR A 157 2.32 14.41 7.68
N GLN A 158 2.51 14.37 9.00
CA GLN A 158 3.74 14.87 9.62
C GLN A 158 3.91 14.29 11.00
N ASN A 159 5.16 14.18 11.44
CA ASN A 159 5.47 13.78 12.83
C ASN A 159 4.82 12.43 13.14
N GLU A 160 4.36 12.19 14.37
CA GLU A 160 3.93 10.83 14.72
C GLU A 160 2.68 10.41 13.95
N SER A 161 1.70 11.30 13.80
CA SER A 161 0.50 10.92 13.04
C SER A 161 0.88 10.52 11.61
N GLY A 162 1.85 11.22 11.03
CA GLY A 162 2.28 10.91 9.68
C GLY A 162 3.05 9.61 9.58
N ALA A 163 3.83 9.27 10.61
CA ALA A 163 4.49 7.97 10.64
C ALA A 163 3.49 6.85 10.81
N ILE A 164 2.40 7.08 11.56
CA ILE A 164 1.32 6.08 11.62
C ILE A 164 0.69 5.94 10.24
N ASN A 165 0.38 7.06 9.59
CA ASN A 165 -0.16 7.07 8.23
C ASN A 165 0.70 6.19 7.31
N GLU A 166 2.01 6.42 7.31
CA GLU A 166 2.93 5.62 6.52
C GLU A 166 2.90 4.15 6.90
N ALA A 167 2.97 3.83 8.20
CA ALA A 167 2.96 2.44 8.61
C ALA A 167 1.68 1.74 8.21
N ILE A 168 0.53 2.42 8.29
CA ILE A 168 -0.73 1.83 7.85
C ILE A 168 -0.64 1.43 6.38
N SER A 169 -0.07 2.30 5.56
CA SER A 169 0.13 1.99 4.14
C SER A 169 1.12 0.83 3.91
N ASP A 170 2.19 0.74 4.72
CA ASP A 170 3.11 -0.39 4.61
C ASP A 170 2.45 -1.69 5.10
N ILE A 171 1.71 -1.63 6.21
CA ILE A 171 1.03 -2.80 6.76
C ILE A 171 0.05 -3.36 5.74
N PHE A 172 -0.88 -2.52 5.26
CA PHE A 172 -1.86 -3.05 4.29
C PHE A 172 -1.24 -3.34 2.93
N GLY A 173 -0.20 -2.60 2.52
CA GLY A 173 0.52 -2.99 1.32
C GLY A 173 1.04 -4.41 1.42
N THR A 174 1.60 -4.74 2.59
CA THR A 174 2.10 -6.10 2.85
C THR A 174 0.97 -7.12 2.93
N LEU A 175 -0.13 -6.80 3.63
CA LEU A 175 -1.23 -7.75 3.71
C LEU A 175 -1.84 -8.01 2.35
N VAL A 176 -1.90 -7.01 1.48
CA VAL A 176 -2.37 -7.24 0.11
C VAL A 176 -1.39 -8.14 -0.65
N GLU A 177 -0.08 -7.91 -0.48
CA GLU A 177 0.92 -8.78 -1.10
C GLU A 177 0.73 -10.23 -0.65
N PHE A 178 0.49 -10.46 0.64
CA PHE A 178 0.21 -11.82 1.10
C PHE A 178 -1.11 -12.34 0.53
N TYR A 179 -2.14 -11.49 0.40
CA TYR A 179 -3.42 -11.90 -0.16
C TYR A 179 -3.28 -12.44 -1.57
N ALA A 180 -2.49 -11.76 -2.39
CA ALA A 180 -2.24 -12.22 -3.75
C ALA A 180 -1.32 -13.44 -3.76
N ASN A 181 -0.48 -13.57 -2.75
CA ASN A 181 0.32 -14.78 -2.50
C ASN A 181 1.35 -15.10 -3.59
N LYS A 182 2.01 -14.07 -4.13
CA LYS A 182 3.14 -14.26 -5.05
C LYS A 182 4.38 -13.65 -4.40
N ASN A 183 5.29 -14.51 -3.99
CA ASN A 183 6.53 -14.11 -3.33
C ASN A 183 6.30 -13.13 -2.18
N PRO A 184 5.39 -13.43 -1.26
CA PRO A 184 5.10 -12.44 -0.22
C PRO A 184 6.20 -12.39 0.83
N ASP A 185 6.35 -11.21 1.40
CA ASP A 185 7.35 -10.97 2.42
C ASP A 185 6.92 -9.76 3.24
N TRP A 186 7.75 -9.44 4.24
CA TRP A 186 7.55 -8.29 5.11
C TRP A 186 8.47 -7.13 4.73
N GLU A 187 8.92 -7.10 3.48
CA GLU A 187 9.73 -6.02 2.93
C GLU A 187 8.85 -5.14 2.06
N ILE A 188 9.28 -3.90 1.85
CA ILE A 188 8.52 -2.93 1.06
C ILE A 188 9.27 -2.60 -0.22
N GLY A 189 8.62 -2.84 -1.37
CA GLY A 189 9.12 -2.34 -2.63
C GLY A 189 10.21 -3.16 -3.29
N GLU A 190 10.49 -4.37 -2.77
CA GLU A 190 11.57 -5.21 -3.29
C GLU A 190 11.45 -5.52 -4.79
N ASP A 191 10.24 -5.61 -5.32
CA ASP A 191 10.08 -6.01 -6.71
C ASP A 191 10.47 -4.93 -7.70
N VAL A 192 10.54 -3.67 -7.28
CA VAL A 192 10.80 -2.55 -8.17
C VAL A 192 12.01 -1.73 -7.77
N TYR A 193 12.62 -2.03 -6.62
CA TYR A 193 13.75 -1.25 -6.11
C TYR A 193 15.07 -1.85 -6.62
N THR A 194 16.00 -0.96 -6.97
CA THR A 194 17.39 -1.29 -7.34
C THR A 194 17.50 -2.56 -8.17
N PRO A 195 17.17 -2.50 -9.46
CA PRO A 195 17.29 -3.71 -10.29
C PRO A 195 18.69 -4.29 -10.32
N GLY A 196 19.73 -3.50 -10.08
CA GLY A 196 21.06 -4.08 -10.09
C GLY A 196 21.55 -4.65 -8.79
N ILE A 197 20.74 -4.64 -7.74
CA ILE A 197 21.08 -5.18 -6.43
C ILE A 197 20.00 -6.17 -5.99
N SER A 198 20.38 -7.42 -5.80
CA SER A 198 19.45 -8.45 -5.35
C SER A 198 19.31 -8.45 -3.83
N GLY A 199 18.12 -8.79 -3.36
CA GLY A 199 17.94 -9.08 -1.96
C GLY A 199 17.67 -7.90 -1.06
N ASP A 200 17.58 -6.69 -1.62
CA ASP A 200 17.31 -5.48 -0.83
C ASP A 200 15.88 -5.01 -1.03
N SER A 201 15.54 -3.90 -0.38
CA SER A 201 14.22 -3.33 -0.48
C SER A 201 14.33 -1.89 0.02
N LEU A 202 13.23 -1.16 -0.15
CA LEU A 202 13.17 0.21 0.32
C LEU A 202 13.08 0.31 1.85
N ARG A 203 12.23 -0.52 2.45
CA ARG A 203 12.08 -0.62 3.90
C ARG A 203 11.88 -2.09 4.23
N SER A 204 12.15 -2.42 5.49
CA SER A 204 11.88 -3.73 6.05
C SER A 204 10.97 -3.53 7.26
N MET A 205 9.88 -4.29 7.31
CA MET A 205 9.05 -4.31 8.51
C MET A 205 9.61 -5.28 9.57
N SER A 206 10.21 -6.38 9.13
CA SER A 206 10.74 -7.36 10.07
C SER A 206 12.00 -6.88 10.74
N ASP A 207 12.79 -6.05 10.05
CA ASP A 207 14.01 -5.49 10.64
C ASP A 207 14.25 -4.11 10.07
N PRO A 208 13.50 -3.10 10.54
CA PRO A 208 13.62 -1.75 9.94
C PRO A 208 15.04 -1.21 9.92
N ALA A 209 15.83 -1.60 10.92
CA ALA A 209 17.19 -1.05 11.07
C ALA A 209 18.08 -1.45 9.90
N LYS A 210 17.74 -2.51 9.18
CA LYS A 210 18.56 -2.92 8.03
C LYS A 210 18.73 -1.77 7.06
N TYR A 211 17.74 -0.88 6.97
CA TYR A 211 17.78 0.27 6.06
C TYR A 211 17.82 1.59 6.82
N GLY A 212 18.32 1.57 8.06
CA GLY A 212 18.52 2.78 8.83
C GLY A 212 17.27 3.34 9.49
N ASP A 213 16.22 2.61 9.55
CA ASP A 213 15.01 3.11 10.18
C ASP A 213 14.89 2.54 11.61
N PRO A 214 14.36 3.36 12.51
CA PRO A 214 14.28 2.93 13.91
C PRO A 214 13.32 1.76 14.12
N ASP A 215 13.68 0.92 15.12
CA ASP A 215 12.90 -0.23 15.55
C ASP A 215 12.54 -0.14 17.02
N HIS A 216 12.66 1.08 17.58
CA HIS A 216 12.35 1.32 18.97
C HIS A 216 12.15 2.81 19.12
N TYR A 217 11.18 3.19 19.95
CA TYR A 217 10.82 4.60 20.14
C TYR A 217 12.00 5.45 20.61
N SER A 218 12.93 4.86 21.38
CA SER A 218 14.12 5.60 21.82
C SER A 218 15.04 6.01 20.69
N LYS A 219 14.84 5.45 19.50
CA LYS A 219 15.64 5.76 18.31
C LYS A 219 14.86 6.60 17.31
N ARG A 220 13.72 7.18 17.72
CA ARG A 220 12.92 7.98 16.77
C ARG A 220 13.68 9.20 16.31
N TYR A 221 13.39 9.59 15.07
CA TYR A 221 13.89 10.83 14.49
C TYR A 221 12.98 11.99 14.86
N THR A 222 13.60 13.14 15.24
CA THR A 222 12.77 14.28 15.65
C THR A 222 13.15 15.55 14.92
N GLY A 223 13.89 15.42 13.83
CA GLY A 223 14.18 16.55 12.98
C GLY A 223 13.05 16.83 12.00
N THR A 224 13.35 17.70 11.04
CA THR A 224 12.31 18.21 10.14
C THR A 224 12.29 17.56 8.75
N GLN A 225 13.32 16.81 8.36
CA GLN A 225 13.34 16.19 7.06
C GLN A 225 12.17 15.21 6.93
N ASP A 226 11.70 15.03 5.72
CA ASP A 226 10.73 13.99 5.42
C ASP A 226 9.44 14.18 6.24
N ASN A 227 8.99 15.43 6.35
CA ASN A 227 7.78 15.76 7.12
C ASN A 227 7.90 15.31 8.58
N GLY A 228 9.08 15.45 9.16
CA GLY A 228 9.30 14.95 10.49
C GLY A 228 9.54 13.46 10.55
N GLY A 229 10.11 12.87 9.49
CA GLY A 229 10.47 11.46 9.51
C GLY A 229 9.34 10.49 9.25
N VAL A 230 8.34 10.83 8.43
CA VAL A 230 7.20 9.92 8.29
C VAL A 230 7.58 8.56 7.70
N HIS A 231 8.57 8.53 6.78
CA HIS A 231 9.05 7.27 6.18
C HIS A 231 10.17 6.62 6.99
N ILE A 232 10.56 7.24 8.10
CA ILE A 232 11.62 6.80 8.98
C ILE A 232 11.03 6.21 10.24
N ASN A 233 10.29 7.03 11.00
CA ASN A 233 9.63 6.60 12.22
C ASN A 233 8.52 5.58 11.98
N SER A 234 8.06 5.43 10.73
CA SER A 234 7.16 4.31 10.42
C SER A 234 7.77 2.97 10.82
N GLY A 235 9.10 2.86 10.84
CA GLY A 235 9.72 1.60 11.23
C GLY A 235 9.33 1.12 12.62
N ILE A 236 9.06 2.05 13.53
CA ILE A 236 8.70 1.66 14.89
C ILE A 236 7.37 0.95 14.91
N ILE A 237 6.40 1.49 14.16
CA ILE A 237 5.07 0.89 14.07
C ILE A 237 5.08 -0.35 13.19
N ASN A 238 5.83 -0.31 12.08
CA ASN A 238 5.98 -1.51 11.25
C ASN A 238 6.53 -2.68 12.04
N LYS A 239 7.55 -2.43 12.87
CA LYS A 239 8.11 -3.47 13.73
C LYS A 239 7.05 -4.00 14.69
N ALA A 240 6.26 -3.12 15.30
CA ALA A 240 5.22 -3.59 16.22
C ALA A 240 4.22 -4.48 15.48
N ALA A 241 3.81 -4.07 14.28
CA ALA A 241 2.86 -4.87 13.51
C ALA A 241 3.43 -6.22 13.12
N TYR A 242 4.68 -6.24 12.65
CA TYR A 242 5.38 -7.49 12.36
C TYR A 242 5.38 -8.42 13.60
N LEU A 243 5.69 -7.87 14.77
CA LEU A 243 5.72 -8.69 15.98
C LEU A 243 4.34 -9.22 16.36
N ILE A 244 3.30 -8.38 16.26
CA ILE A 244 1.94 -8.87 16.53
C ILE A 244 1.64 -10.07 15.67
N SER A 245 1.96 -9.99 14.37
CA SER A 245 1.63 -11.09 13.46
C SER A 245 2.54 -12.30 13.68
N GLN A 246 3.85 -12.10 13.69
CA GLN A 246 4.81 -13.18 13.55
C GLN A 246 5.48 -13.58 14.85
N GLY A 247 5.37 -12.76 15.88
CA GLY A 247 6.04 -12.97 17.16
C GLY A 247 7.54 -12.73 17.08
N GLY A 248 8.16 -12.81 18.24
CA GLY A 248 9.61 -12.73 18.34
C GLY A 248 9.99 -12.12 19.67
N THR A 249 11.29 -12.08 19.94
CA THR A 249 11.81 -11.40 21.13
C THR A 249 12.69 -10.25 20.65
N HIS A 250 12.35 -9.03 21.08
CA HIS A 250 12.94 -7.80 20.55
C HIS A 250 13.33 -6.93 21.74
N TYR A 251 14.63 -6.59 21.84
CA TYR A 251 15.19 -5.91 22.99
C TYR A 251 14.76 -6.59 24.29
N GLY A 252 14.76 -7.92 24.25
CA GLY A 252 14.48 -8.74 25.42
C GLY A 252 13.01 -8.97 25.73
N VAL A 253 12.09 -8.38 24.96
CA VAL A 253 10.64 -8.45 25.22
C VAL A 253 10.06 -9.47 24.25
N SER A 254 9.40 -10.51 24.77
CA SER A 254 8.88 -11.58 23.92
C SER A 254 7.43 -11.33 23.55
N VAL A 255 7.11 -11.55 22.29
CA VAL A 255 5.77 -11.33 21.74
C VAL A 255 5.28 -12.64 21.15
N VAL A 256 4.10 -13.06 21.55
CA VAL A 256 3.44 -14.23 20.96
C VAL A 256 2.70 -13.79 19.69
N GLY A 257 3.07 -14.34 18.54
CA GLY A 257 2.42 -13.96 17.30
C GLY A 257 1.00 -14.51 17.19
N ILE A 258 0.12 -13.71 16.57
CA ILE A 258 -1.27 -14.09 16.38
C ILE A 258 -1.65 -14.22 14.90
N GLY A 259 -0.73 -13.94 13.99
CA GLY A 259 -0.96 -14.14 12.57
C GLY A 259 -1.45 -12.89 11.85
N ARG A 260 -1.31 -12.94 10.51
CA ARG A 260 -1.58 -11.80 9.64
C ARG A 260 -3.04 -11.40 9.65
N ASP A 261 -3.95 -12.36 9.61
CA ASP A 261 -5.36 -12.02 9.47
C ASP A 261 -5.83 -11.20 10.68
N LYS A 262 -5.44 -11.64 11.88
CA LYS A 262 -5.81 -10.91 13.08
C LYS A 262 -5.11 -9.56 13.17
N LEU A 263 -3.85 -9.47 12.75
CA LEU A 263 -3.20 -8.16 12.62
C LEU A 263 -4.06 -7.24 11.78
N GLY A 264 -4.46 -7.70 10.59
CA GLY A 264 -5.25 -6.86 9.70
C GLY A 264 -6.58 -6.44 10.29
N LYS A 265 -7.24 -7.35 11.01
CA LYS A 265 -8.53 -7.00 11.61
C LYS A 265 -8.35 -5.92 12.68
N ILE A 266 -7.31 -6.08 13.50
CA ILE A 266 -7.05 -5.14 14.59
C ILE A 266 -6.71 -3.76 14.03
N PHE A 267 -5.82 -3.70 13.06
CA PHE A 267 -5.41 -2.41 12.54
C PHE A 267 -6.48 -1.77 11.66
N TYR A 268 -7.29 -2.56 10.94
CA TYR A 268 -8.38 -1.98 10.17
C TYR A 268 -9.42 -1.35 11.10
N ARG A 269 -9.74 -2.02 12.20
CA ARG A 269 -10.67 -1.46 13.15
C ARG A 269 -10.08 -0.23 13.82
N ALA A 270 -8.81 -0.26 14.19
CA ALA A 270 -8.22 0.94 14.79
C ALA A 270 -8.29 2.11 13.83
N LEU A 271 -7.95 1.87 12.56
CA LEU A 271 -7.93 2.92 11.54
C LEU A 271 -9.30 3.55 11.36
N THR A 272 -10.34 2.72 11.36
CA THR A 272 -11.67 3.16 10.96
C THR A 272 -12.60 3.52 12.11
N GLN A 273 -12.27 3.12 13.34
CA GLN A 273 -13.12 3.41 14.49
C GLN A 273 -12.45 4.22 15.58
N TYR A 274 -11.12 4.29 15.65
CA TYR A 274 -10.49 4.90 16.83
C TYR A 274 -9.48 6.00 16.52
N LEU A 275 -8.68 5.85 15.49
CA LEU A 275 -7.66 6.87 15.18
C LEU A 275 -8.31 8.15 14.66
N THR A 276 -7.63 9.25 14.91
CA THR A 276 -8.07 10.57 14.49
C THR A 276 -6.93 11.27 13.75
N PRO A 277 -7.16 12.48 13.22
CA PRO A 277 -6.10 13.09 12.43
C PRO A 277 -4.83 13.35 13.22
N THR A 278 -4.95 13.55 14.53
CA THR A 278 -3.81 13.93 15.35
C THR A 278 -3.27 12.77 16.20
N SER A 279 -3.72 11.55 16.00
CA SER A 279 -3.26 10.46 16.86
C SER A 279 -1.74 10.34 16.86
N ASN A 280 -1.17 10.14 18.05
CA ASN A 280 0.26 9.85 18.21
C ASN A 280 0.46 8.35 18.49
N PHE A 281 1.73 7.94 18.66
CA PHE A 281 2.02 6.52 18.81
C PHE A 281 1.35 5.93 20.04
N SER A 282 1.35 6.65 21.17
CA SER A 282 0.70 6.18 22.37
C SER A 282 -0.79 5.99 22.14
N GLN A 283 -1.41 6.92 21.40
CA GLN A 283 -2.83 6.78 21.08
C GLN A 283 -3.09 5.62 20.11
N LEU A 284 -2.15 5.32 19.21
CA LEU A 284 -2.29 4.12 18.38
C LEU A 284 -2.27 2.87 19.24
N ARG A 285 -1.35 2.79 20.19
CA ARG A 285 -1.34 1.64 21.08
C ARG A 285 -2.71 1.47 21.73
N ALA A 286 -3.26 2.55 22.27
CA ALA A 286 -4.57 2.47 22.93
C ALA A 286 -5.66 2.04 21.95
N ALA A 287 -5.62 2.56 20.72
CA ALA A 287 -6.59 2.19 19.70
C ALA A 287 -6.49 0.71 19.31
N ALA A 288 -5.26 0.20 19.20
CA ALA A 288 -5.06 -1.21 18.87
C ALA A 288 -5.48 -2.11 20.02
N VAL A 289 -5.20 -1.73 21.26
CA VAL A 289 -5.66 -2.50 22.42
C VAL A 289 -7.17 -2.55 22.46
N GLN A 290 -7.83 -1.40 22.24
CA GLN A 290 -9.29 -1.38 22.27
C GLN A 290 -9.86 -2.20 21.13
N SER A 291 -9.27 -2.10 19.94
CA SER A 291 -9.76 -2.84 18.78
C SER A 291 -9.66 -4.35 19.05
N ALA A 292 -8.52 -4.80 19.56
CA ALA A 292 -8.36 -6.21 19.87
C ALA A 292 -9.33 -6.65 20.97
N THR A 293 -9.62 -5.76 21.93
CA THR A 293 -10.59 -6.06 22.98
C THR A 293 -11.99 -6.26 22.37
N ASP A 294 -12.38 -5.35 21.47
CA ASP A 294 -13.68 -5.46 20.80
C ASP A 294 -13.79 -6.79 20.07
N LEU A 295 -12.73 -7.17 19.36
CA LEU A 295 -12.80 -8.32 18.47
C LEU A 295 -12.64 -9.65 19.18
N TYR A 296 -11.82 -9.70 20.26
CA TYR A 296 -11.37 -10.96 20.83
C TYR A 296 -11.57 -11.07 22.34
N GLY A 297 -11.86 -9.98 23.03
CA GLY A 297 -12.13 -9.97 24.46
C GLY A 297 -10.93 -9.50 25.25
N SER A 298 -11.20 -8.86 26.40
CA SER A 298 -10.14 -8.24 27.20
C SER A 298 -9.10 -9.25 27.70
N THR A 299 -9.49 -10.49 27.95
CA THR A 299 -8.58 -11.51 28.45
C THR A 299 -7.91 -12.33 27.36
N SER A 300 -8.03 -11.90 26.10
CA SER A 300 -7.57 -12.72 25.01
C SER A 300 -6.06 -12.65 24.84
N GLN A 301 -5.53 -13.69 24.19
CA GLN A 301 -4.14 -13.65 23.74
C GLN A 301 -3.89 -12.48 22.80
N GLU A 302 -4.86 -12.17 21.94
CA GLU A 302 -4.66 -11.10 20.97
C GLU A 302 -4.41 -9.77 21.67
N VAL A 303 -5.18 -9.44 22.69
CA VAL A 303 -4.91 -8.21 23.45
C VAL A 303 -3.53 -8.27 24.11
N ALA A 304 -3.20 -9.38 24.76
CA ALA A 304 -1.90 -9.50 25.41
C ALA A 304 -0.76 -9.29 24.43
N SER A 305 -0.89 -9.84 23.22
CA SER A 305 0.16 -9.72 22.22
C SER A 305 0.30 -8.29 21.69
N VAL A 306 -0.81 -7.57 21.53
CA VAL A 306 -0.71 -6.17 21.13
C VAL A 306 0.09 -5.39 22.17
N LYS A 307 -0.21 -5.60 23.45
CA LYS A 307 0.53 -4.90 24.51
C LYS A 307 2.01 -5.27 24.49
N GLN A 308 2.34 -6.57 24.34
CA GLN A 308 3.73 -7.01 24.26
C GLN A 308 4.46 -6.35 23.10
N ALA A 309 3.83 -6.25 21.93
CA ALA A 309 4.49 -5.71 20.77
C ALA A 309 4.80 -4.22 20.94
N PHE A 310 3.84 -3.45 21.47
CA PHE A 310 4.11 -2.05 21.72
C PHE A 310 5.16 -1.87 22.82
N ASP A 311 5.12 -2.73 23.86
CA ASP A 311 6.18 -2.70 24.86
C ASP A 311 7.55 -2.91 24.22
N ALA A 312 7.63 -3.88 23.29
CA ALA A 312 8.91 -4.24 22.68
C ALA A 312 9.51 -3.09 21.88
N VAL A 313 8.67 -2.23 21.29
CA VAL A 313 9.16 -1.07 20.55
C VAL A 313 9.14 0.20 21.40
N GLY A 314 8.93 0.10 22.71
CA GLY A 314 9.06 1.25 23.57
C GLY A 314 7.92 2.24 23.55
N VAL A 315 6.72 1.81 23.14
CA VAL A 315 5.56 2.70 23.05
C VAL A 315 4.59 2.32 24.15
N LYS A 316 4.36 3.25 25.08
CA LYS A 316 3.42 3.06 26.18
C LYS A 316 2.13 3.82 26.00
ZN ZN B . 3.27 6.45 1.73
CA CA C . 6.95 -6.76 -0.23
CA CA D . -2.14 -3.23 -28.11
CA CA E . 7.53 -9.84 -2.36
CA CA F . 16.97 -4.49 -5.69
S DMS G . 16.00 0.80 24.28
O DMS G . 16.72 1.29 25.50
C1 DMS G . 17.27 0.50 23.02
C2 DMS G . 15.63 -0.92 24.69
S DMS H . 5.75 14.61 -3.61
O DMS H . 6.82 15.47 -4.22
C1 DMS H . 4.40 14.49 -4.80
C2 DMS H . 6.20 12.86 -3.75
S DMS I . -19.47 0.90 -19.27
O DMS I . -20.58 1.54 -20.05
C1 DMS I . -19.52 1.77 -17.69
C2 DMS I . -20.20 -0.67 -18.75
C1 GOL J . 0.89 10.03 0.20
O1 GOL J . 1.00 9.52 -1.13
C2 GOL J . 0.17 11.37 0.27
O2 GOL J . -1.17 11.21 -0.12
C3 GOL J . 0.22 11.99 1.64
O3 GOL J . -0.47 11.21 2.60
C1 GOL K . 10.52 12.47 -6.21
O1 GOL K . 10.33 12.06 -4.87
C2 GOL K . 11.71 11.73 -6.81
O2 GOL K . 12.85 11.93 -6.01
C3 GOL K . 12.01 12.17 -8.23
O3 GOL K . 12.82 11.18 -8.88
C1 6NN L . 1.85 14.28 -2.23
C2 6NN L . 0.66 14.76 -2.77
C3 6NN L . -0.36 15.29 -1.96
C7 6NN L . 3.41 13.85 -0.20
C9 6NN L . 4.24 11.61 -0.54
C9 6NN L . 3.94 11.56 -0.85
C12 6NN L . 4.96 9.39 -1.18
C19 6NN L . 7.10 3.36 -1.93
C20 6NN L . 7.76 2.70 -3.18
C21 6NN L . 6.06 2.42 -1.29
C22 6NN L . 7.28 5.96 -0.36
C27 6NN L . 11.72 7.52 0.05
O15 6NN L . 2.91 7.54 -1.11
P13 6NN L . 4.36 7.72 -0.76
C6 6NN L . 2.07 14.33 -0.84
C4 6NN L . -0.12 15.34 -0.57
C5 6NN L . 1.09 14.89 -0.04
N16 6NN L . 5.39 6.74 -1.77
C17 6NN L . 6.06 5.59 -1.17
C18 6NN L . 6.49 4.70 -2.35
O23 6NN L . 7.60 5.27 0.62
N24 6NN L . 8.02 7.00 -0.80
C25 6NN L . 9.20 7.42 -0.05
C26 6NN L . 10.50 6.82 -0.59
C28 6NN L . 10.66 6.86 -2.13
C29 6NN L . 12.13 6.94 -2.58
O14 6NN L . 4.66 7.43 0.71
N11 6NN L . 3.91 10.35 -0.86
N11 6NN L . 4.27 10.36 -0.36
O10 6NN L . 5.40 11.96 -0.38
O10 6NN L . 4.44 12.00 -1.88
O8 6NN L . 3.34 12.42 0.01
O8 6NN L . 3.63 12.46 0.07
#